data_6R19
#
_entry.id   6R19
#
_cell.length_a   56.557
_cell.length_b   59.234
_cell.length_c   88.425
_cell.angle_alpha   90.00
_cell.angle_beta   90.00
_cell.angle_gamma   90.00
#
_symmetry.space_group_name_H-M   'P 21 21 21'
#
loop_
_entity.id
_entity.type
_entity.pdbx_description
1 polymer 'Cereblon isoform 4'
2 polymer 'Cereblon isoform 4'
3 non-polymer 'ZINC ION'
4 non-polymer S-Thalidomide
5 non-polymer 'PHOSPHATE ION'
6 non-polymer '[(2~{S})-pyrrolidin-2-yl]methyl ~{N}-[(3~{S})-2,5-bis(oxidanylidene)pyrrolidin-3-yl]carbamate'
7 water water
#
loop_
_entity_poly.entity_id
_entity_poly.type
_entity_poly.pdbx_seq_one_letter_code
_entity_poly.pdbx_strand_id
1 'polypeptide(L)'
;AMPLDAGGQNSTQMVLAPGASIFRCRQCGQTISRRDWLLPMGGDHEHVVFNPAGMIFRVWCFSLAQGLRLIGAPSGEFSW
FKGYDWTIALCGQCGSHLGWHYEGGSQPQTFFGLIKDRLAEGPAD
;
A,B,C
2 'polypeptide(L)' (UNK)(UNK)(UNK)(UNK)(UNK)(UNK) F
#
loop_
_chem_comp.id
_chem_comp.type
_chem_comp.name
_chem_comp.formula
EF2 non-polymer S-Thalidomide 'C13 H10 N2 O4'
JON non-polymer '[(2~{S})-pyrrolidin-2-yl]methyl ~{N}-[(3~{S})-2,5-bis(oxidanylidene)pyrrolidin-3-yl]carbamate' 'C10 H15 N3 O4'
PO4 non-polymer 'PHOSPHATE ION' 'O4 P -3'
ZN non-polymer 'ZINC ION' 'Zn 2'
#
# COMPACT_ATOMS: atom_id res chain seq x y z
N MET A 14 -16.56 -17.50 -3.77
CA MET A 14 -18.02 -17.16 -3.81
C MET A 14 -18.61 -16.86 -2.42
N VAL A 15 -19.10 -15.64 -2.26
CA VAL A 15 -19.70 -15.21 -0.99
C VAL A 15 -20.97 -14.43 -1.27
N LEU A 16 -21.86 -14.42 -0.30
CA LEU A 16 -23.11 -13.65 -0.41
C LEU A 16 -22.81 -12.18 -0.10
N ALA A 17 -23.40 -11.26 -0.89
CA ALA A 17 -23.27 -9.79 -0.59
C ALA A 17 -21.83 -9.27 -0.39
N PRO A 18 -20.92 -9.48 -1.34
CA PRO A 18 -19.55 -9.03 -1.14
C PRO A 18 -19.49 -7.49 -1.12
N GLY A 19 -18.71 -6.91 -0.22
CA GLY A 19 -18.53 -5.44 -0.13
C GLY A 19 -17.26 -4.98 -0.78
N ALA A 20 -16.49 -5.86 -1.36
CA ALA A 20 -15.15 -5.47 -1.90
C ALA A 20 -15.04 -6.06 -3.29
N SER A 21 -15.88 -5.56 -4.13
CA SER A 21 -16.11 -6.14 -5.42
CA SER A 21 -16.11 -6.15 -5.43
C SER A 21 -15.76 -5.22 -6.55
N ILE A 22 -16.20 -3.98 -6.47
CA ILE A 22 -16.17 -2.99 -7.55
C ILE A 22 -15.30 -1.80 -7.10
N PHE A 23 -14.48 -1.27 -8.00
CA PHE A 23 -13.83 -0.02 -7.76
C PHE A 23 -14.50 1.09 -8.54
N ARG A 24 -14.81 2.19 -7.88
CA ARG A 24 -15.37 3.36 -8.49
C ARG A 24 -14.46 4.55 -8.34
N CYS A 25 -14.61 5.58 -9.16
CA CYS A 25 -13.89 6.82 -8.99
C CYS A 25 -14.24 7.42 -7.64
N ARG A 26 -13.22 7.72 -6.83
CA ARG A 26 -13.45 8.31 -5.50
C ARG A 26 -14.13 9.64 -5.52
N GLN A 27 -13.94 10.37 -6.61
CA GLN A 27 -14.50 11.75 -6.69
C GLN A 27 -15.91 11.76 -7.13
N CYS A 28 -16.41 10.81 -7.91
CA CYS A 28 -17.74 10.91 -8.50
C CYS A 28 -18.53 9.65 -8.52
N GLY A 29 -17.93 8.48 -8.30
CA GLY A 29 -18.69 7.28 -8.38
C GLY A 29 -18.76 6.48 -9.64
N GLN A 30 -18.14 7.02 -10.72
CA GLN A 30 -18.08 6.27 -11.97
CA GLN A 30 -18.13 6.25 -11.99
C GLN A 30 -17.56 4.84 -11.75
N THR A 31 -18.20 3.84 -12.35
CA THR A 31 -17.65 2.47 -12.28
C THR A 31 -16.36 2.40 -13.07
N ILE A 32 -15.30 1.86 -12.47
CA ILE A 32 -13.96 1.82 -13.12
C ILE A 32 -13.44 0.38 -13.27
N SER A 33 -13.37 -0.41 -12.20
CA SER A 33 -12.83 -1.77 -12.36
C SER A 33 -13.36 -2.68 -11.29
N ARG A 34 -12.76 -3.85 -11.16
CA ARG A 34 -13.28 -4.89 -10.26
C ARG A 34 -12.13 -5.58 -9.63
N ARG A 35 -12.29 -6.03 -8.40
CA ARG A 35 -11.21 -6.79 -7.77
C ARG A 35 -10.83 -8.07 -8.55
N ASP A 36 -11.83 -8.67 -9.20
CA ASP A 36 -11.56 -9.88 -9.97
C ASP A 36 -10.59 -9.61 -11.11
N TRP A 37 -10.42 -8.34 -11.49
CA TRP A 37 -9.60 -7.99 -12.64
C TRP A 37 -8.21 -7.51 -12.20
N LEU A 38 -7.85 -7.63 -10.97
CA LEU A 38 -6.48 -7.34 -10.55
C LEU A 38 -5.49 -8.25 -11.29
N LEU A 39 -4.34 -7.68 -11.68
CA LEU A 39 -3.38 -8.35 -12.53
C LEU A 39 -2.01 -8.33 -11.86
N PRO A 40 -1.45 -9.48 -11.51
CA PRO A 40 -0.15 -9.47 -10.86
C PRO A 40 1.06 -9.33 -11.76
N MET A 41 1.34 -8.15 -12.22
CA MET A 41 2.46 -7.80 -13.09
C MET A 41 3.76 -7.96 -12.37
N GLY A 42 4.69 -8.73 -12.92
CA GLY A 42 5.92 -9.01 -12.22
C GLY A 42 5.71 -9.65 -10.86
N GLY A 43 4.61 -10.39 -10.68
CA GLY A 43 4.29 -11.07 -9.44
C GLY A 43 3.51 -10.31 -8.35
N ASP A 44 3.14 -9.09 -8.62
CA ASP A 44 2.40 -8.31 -7.61
C ASP A 44 1.47 -7.41 -8.33
N HIS A 45 0.23 -7.28 -7.87
CA HIS A 45 -0.65 -6.30 -8.47
C HIS A 45 -0.34 -4.87 -8.03
N GLU A 46 0.38 -4.70 -6.95
CA GLU A 46 0.77 -3.40 -6.46
C GLU A 46 2.20 -3.06 -6.81
N HIS A 47 2.38 -1.87 -7.41
CA HIS A 47 3.67 -1.32 -7.80
C HIS A 47 3.80 0.09 -7.26
N VAL A 48 4.85 0.37 -6.48
CA VAL A 48 5.03 1.65 -5.86
C VAL A 48 6.12 2.37 -6.66
N VAL A 49 5.79 3.52 -7.21
CA VAL A 49 6.53 4.18 -8.26
C VAL A 49 6.57 5.68 -7.99
N PHE A 50 7.53 6.40 -8.61
CA PHE A 50 7.45 7.84 -8.65
C PHE A 50 7.66 8.41 -9.99
N ASN A 51 7.08 9.55 -10.27
CA ASN A 51 7.22 10.23 -11.56
C ASN A 51 8.35 11.30 -11.51
N PRO A 52 8.62 11.96 -12.63
CA PRO A 52 9.69 12.97 -12.68
C PRO A 52 9.44 14.16 -11.80
N ALA A 53 8.20 14.40 -11.40
CA ALA A 53 7.86 15.48 -10.46
C ALA A 53 7.97 15.00 -9.02
N GLY A 54 8.46 13.80 -8.80
CA GLY A 54 8.64 13.24 -7.44
C GLY A 54 7.40 12.70 -6.77
N MET A 55 6.30 12.64 -7.45
CA MET A 55 5.04 12.14 -6.82
CA MET A 55 5.04 12.14 -6.82
C MET A 55 5.14 10.63 -6.74
N ILE A 56 4.86 10.08 -5.56
CA ILE A 56 4.78 8.65 -5.30
C ILE A 56 3.34 8.16 -5.51
N PHE A 57 3.24 7.03 -6.23
CA PHE A 57 1.89 6.43 -6.53
C PHE A 57 1.94 4.97 -6.12
N ARG A 58 0.85 4.54 -5.44
CA ARG A 58 0.64 3.14 -5.18
CA ARG A 58 0.66 3.12 -5.20
C ARG A 58 -0.29 2.70 -6.32
N VAL A 59 0.29 2.04 -7.30
CA VAL A 59 -0.40 1.69 -8.55
C VAL A 59 -0.85 0.24 -8.37
N TRP A 60 -2.15 0.05 -8.66
CA TRP A 60 -2.70 -1.32 -8.74
C TRP A 60 -2.89 -1.60 -10.22
N CYS A 61 -2.46 -2.76 -10.67
CA CYS A 61 -2.57 -3.17 -12.06
C CYS A 61 -3.84 -3.98 -12.21
N PHE A 62 -4.58 -3.67 -13.28
CA PHE A 62 -5.83 -4.34 -13.63
C PHE A 62 -5.75 -4.75 -15.07
N SER A 63 -6.31 -5.94 -15.38
CA SER A 63 -6.33 -6.36 -16.78
CA SER A 63 -6.37 -6.37 -16.78
C SER A 63 -7.27 -5.52 -17.61
N LEU A 64 -8.33 -5.00 -16.98
CA LEU A 64 -9.45 -4.36 -17.63
C LEU A 64 -9.93 -3.27 -16.72
N ALA A 65 -10.48 -2.27 -17.32
CA ALA A 65 -11.16 -1.14 -16.69
C ALA A 65 -12.09 -0.53 -17.64
N GLN A 66 -13.04 0.21 -17.13
CA GLN A 66 -14.09 0.88 -17.87
C GLN A 66 -14.26 2.28 -17.30
N GLY A 67 -15.05 3.10 -17.96
CA GLY A 67 -15.40 4.38 -17.44
C GLY A 67 -14.34 5.41 -17.46
N LEU A 68 -13.23 5.16 -18.13
CA LEU A 68 -12.11 6.08 -18.22
C LEU A 68 -12.17 6.78 -19.54
N ARG A 69 -11.35 7.83 -19.70
CA ARG A 69 -11.06 8.44 -20.99
C ARG A 69 -9.58 8.45 -21.11
N LEU A 70 -9.07 7.84 -22.19
CA LEU A 70 -7.61 7.77 -22.42
C LEU A 70 -7.21 8.92 -23.26
N ILE A 71 -6.22 9.73 -22.84
CA ILE A 71 -5.90 11.00 -23.41
C ILE A 71 -4.62 10.95 -24.21
N GLY A 72 -4.69 11.42 -25.45
CA GLY A 72 -3.50 11.47 -26.26
C GLY A 72 -3.06 10.17 -26.83
N ALA A 73 -1.83 10.18 -27.33
CA ALA A 73 -1.17 9.07 -27.95
C ALA A 73 -0.11 8.51 -26.92
N PRO A 74 0.25 7.24 -27.11
CA PRO A 74 1.11 6.60 -26.16
C PRO A 74 2.50 7.14 -26.13
N SER A 75 3.19 7.05 -25.01
CA SER A 75 4.57 7.40 -24.85
C SER A 75 5.31 6.37 -24.09
N GLY A 76 6.53 6.05 -24.45
CA GLY A 76 7.38 5.19 -23.65
C GLY A 76 8.20 5.89 -22.59
N GLU A 77 8.20 7.20 -22.59
CA GLU A 77 9.07 7.98 -21.71
C GLU A 77 8.76 7.70 -20.26
N PHE A 78 9.78 7.40 -19.45
CA PHE A 78 9.68 7.22 -18.03
C PHE A 78 8.76 6.04 -17.67
N SER A 79 8.45 5.13 -18.61
CA SER A 79 7.54 4.07 -18.27
C SER A 79 8.04 3.21 -17.13
N TRP A 80 7.16 2.95 -16.18
CA TRP A 80 7.42 2.13 -15.00
C TRP A 80 7.41 0.65 -15.36
N PHE A 81 6.95 0.28 -16.54
CA PHE A 81 6.75 -1.11 -16.91
C PHE A 81 7.47 -1.37 -18.20
N LYS A 82 8.50 -2.20 -18.14
CA LYS A 82 9.37 -2.36 -19.30
C LYS A 82 8.62 -2.92 -20.49
N GLY A 83 8.79 -2.23 -21.63
CA GLY A 83 8.17 -2.67 -22.87
C GLY A 83 6.80 -2.09 -23.11
N TYR A 84 6.29 -1.29 -22.15
CA TYR A 84 4.98 -0.68 -22.33
C TYR A 84 5.06 0.81 -22.49
N ASP A 85 4.17 1.33 -23.32
CA ASP A 85 3.98 2.74 -23.55
C ASP A 85 2.70 3.11 -22.82
N TRP A 86 2.55 4.33 -22.39
CA TRP A 86 1.39 4.74 -21.54
C TRP A 86 0.62 5.88 -22.16
N THR A 87 -0.65 5.93 -21.77
CA THR A 87 -1.52 7.07 -22.00
CA THR A 87 -1.55 7.04 -22.02
C THR A 87 -2.16 7.39 -20.68
N ILE A 88 -2.35 8.65 -20.42
CA ILE A 88 -3.04 9.08 -19.19
C ILE A 88 -4.48 8.60 -19.24
N ALA A 89 -4.98 8.12 -18.12
CA ALA A 89 -6.36 7.66 -17.98
C ALA A 89 -7.07 8.55 -16.98
N LEU A 90 -8.04 9.32 -17.46
CA LEU A 90 -8.90 10.13 -16.59
C LEU A 90 -10.18 9.40 -16.35
N CYS A 91 -10.82 9.68 -15.23
CA CYS A 91 -12.23 9.34 -15.06
C CYS A 91 -13.00 9.94 -16.20
N GLY A 92 -13.77 9.12 -16.94
CA GLY A 92 -14.52 9.62 -18.04
C GLY A 92 -15.67 10.48 -17.66
N GLN A 93 -16.11 10.45 -16.41
CA GLN A 93 -17.22 11.22 -15.94
C GLN A 93 -16.71 12.57 -15.43
N CYS A 94 -15.81 12.53 -14.45
CA CYS A 94 -15.42 13.82 -13.77
C CYS A 94 -14.03 14.36 -14.14
N GLY A 95 -13.21 13.57 -14.86
CA GLY A 95 -11.92 14.08 -15.27
C GLY A 95 -10.79 13.86 -14.29
N SER A 96 -11.05 13.28 -13.15
CA SER A 96 -10.02 12.95 -12.13
C SER A 96 -8.95 12.06 -12.79
N HIS A 97 -7.67 12.33 -12.48
CA HIS A 97 -6.63 11.48 -13.02
C HIS A 97 -6.53 10.20 -12.24
N LEU A 98 -6.98 9.08 -12.78
CA LEU A 98 -7.02 7.83 -12.10
C LEU A 98 -5.86 6.94 -12.34
N GLY A 99 -5.10 7.14 -13.43
CA GLY A 99 -3.91 6.32 -13.65
C GLY A 99 -3.51 6.37 -15.10
N TRP A 100 -3.13 5.23 -15.66
CA TRP A 100 -2.58 5.16 -17.02
C TRP A 100 -3.05 3.87 -17.64
N HIS A 101 -3.15 3.92 -18.96
CA HIS A 101 -3.31 2.69 -19.74
C HIS A 101 -1.98 2.37 -20.40
N TYR A 102 -1.60 1.12 -20.31
CA TYR A 102 -0.31 0.66 -20.89
C TYR A 102 -0.61 -0.25 -22.08
N GLU A 103 0.17 -0.06 -23.13
CA GLU A 103 -0.01 -0.84 -24.36
C GLU A 103 1.38 -1.02 -24.99
N GLY A 104 1.37 -1.86 -26.00
CA GLY A 104 2.57 -2.04 -26.79
C GLY A 104 3.56 -3.09 -26.30
N GLY A 105 3.18 -3.77 -25.24
CA GLY A 105 4.08 -4.73 -24.61
C GLY A 105 3.71 -6.16 -24.92
N SER A 106 4.07 -7.05 -23.96
CA SER A 106 3.94 -8.50 -24.18
C SER A 106 3.46 -9.18 -22.93
N GLN A 107 2.42 -10.00 -23.09
CA GLN A 107 1.94 -10.89 -22.04
C GLN A 107 1.68 -10.18 -20.70
N PRO A 108 0.73 -9.25 -20.66
CA PRO A 108 -0.20 -8.94 -21.70
C PRO A 108 0.27 -7.80 -22.60
N GLN A 109 -0.40 -7.67 -23.73
CA GLN A 109 -0.06 -6.54 -24.58
C GLN A 109 -0.46 -5.18 -23.90
N THR A 110 -1.56 -5.20 -23.15
CA THR A 110 -2.13 -4.05 -22.53
C THR A 110 -2.60 -4.31 -21.11
N PHE A 111 -2.63 -3.26 -20.30
CA PHE A 111 -3.28 -3.33 -18.96
C PHE A 111 -3.44 -1.89 -18.46
N PHE A 112 -4.09 -1.77 -17.29
CA PHE A 112 -4.27 -0.48 -16.64
C PHE A 112 -3.48 -0.43 -15.35
N GLY A 113 -2.83 0.70 -15.08
CA GLY A 113 -2.24 0.96 -13.77
C GLY A 113 -2.98 2.10 -13.14
N LEU A 114 -3.77 1.80 -12.12
CA LEU A 114 -4.66 2.78 -11.52
C LEU A 114 -4.14 3.12 -10.11
N ILE A 115 -4.31 4.36 -9.72
CA ILE A 115 -3.83 4.88 -8.45
C ILE A 115 -4.81 4.50 -7.34
N LYS A 116 -4.38 3.65 -6.43
CA LYS A 116 -5.25 2.99 -5.51
C LYS A 116 -6.10 3.93 -4.70
N ASP A 117 -5.46 4.98 -4.17
CA ASP A 117 -6.12 5.95 -3.29
C ASP A 117 -7.04 6.90 -4.01
N ARG A 118 -7.16 6.80 -5.33
CA ARG A 118 -8.08 7.58 -6.10
C ARG A 118 -9.32 6.82 -6.44
N LEU A 119 -9.43 5.58 -5.97
CA LEU A 119 -10.61 4.70 -6.22
C LEU A 119 -11.28 4.45 -4.88
N ALA A 120 -12.56 4.16 -4.93
CA ALA A 120 -13.33 3.65 -3.75
C ALA A 120 -13.77 2.23 -4.04
N GLU A 121 -13.64 1.31 -3.10
CA GLU A 121 -14.01 -0.06 -3.30
C GLU A 121 -15.32 -0.36 -2.57
N GLY A 122 -16.15 -1.19 -3.19
CA GLY A 122 -17.47 -1.42 -2.59
C GLY A 122 -18.20 -2.53 -3.29
N PRO A 123 -19.44 -2.70 -2.89
CA PRO A 123 -20.24 -3.81 -3.39
C PRO A 123 -20.59 -3.72 -4.86
N ALA A 124 -20.90 -4.85 -5.49
CA ALA A 124 -21.22 -4.98 -6.93
C ALA A 124 -22.45 -4.22 -7.50
N ALA B 20 4.31 8.66 21.30
CA ALA B 20 2.99 8.15 21.01
C ALA B 20 2.08 9.30 20.54
N SER B 21 1.44 9.05 19.42
CA SER B 21 0.28 9.81 19.11
C SER B 21 -1.01 9.01 19.28
N ILE B 22 -2.06 9.77 19.56
CA ILE B 22 -3.39 9.21 19.79
C ILE B 22 -4.38 9.82 18.80
N PHE B 23 -5.46 9.12 18.55
CA PHE B 23 -6.57 9.62 17.75
C PHE B 23 -7.74 9.90 18.67
N ARG B 24 -8.22 11.11 18.65
CA ARG B 24 -9.34 11.50 19.49
CA ARG B 24 -9.33 11.53 19.50
C ARG B 24 -10.53 11.76 18.61
N CYS B 25 -11.73 11.65 19.18
CA CYS B 25 -12.93 12.06 18.49
C CYS B 25 -12.81 13.53 18.14
N ARG B 26 -13.00 13.86 16.86
CA ARG B 26 -12.83 15.26 16.44
C ARG B 26 -13.90 16.17 17.05
N GLN B 27 -15.07 15.59 17.35
CA GLN B 27 -16.15 16.41 17.93
C GLN B 27 -16.07 16.64 19.38
N CYS B 28 -15.59 15.70 20.20
CA CYS B 28 -15.53 15.96 21.64
C CYS B 28 -14.22 15.73 22.34
N GLY B 29 -13.25 15.18 21.64
CA GLY B 29 -11.96 14.94 22.21
C GLY B 29 -11.69 13.67 22.92
N GLN B 30 -12.68 12.81 23.05
CA GLN B 30 -12.47 11.53 23.77
C GLN B 30 -11.35 10.78 23.05
N THR B 31 -10.40 10.16 23.75
CA THR B 31 -9.46 9.26 23.15
C THR B 31 -10.20 8.03 22.61
N ILE B 32 -9.90 7.71 21.36
CA ILE B 32 -10.49 6.57 20.68
C ILE B 32 -9.49 5.53 20.28
N SER B 33 -8.38 5.86 19.64
CA SER B 33 -7.39 4.85 19.28
C SER B 33 -6.01 5.44 19.22
N ARG B 34 -5.05 4.69 18.73
CA ARG B 34 -3.63 5.01 18.89
CA ARG B 34 -3.70 5.19 18.74
C ARG B 34 -2.96 4.65 17.58
N ARG B 35 -1.97 5.42 17.18
CA ARG B 35 -1.15 5.08 16.06
C ARG B 35 -0.47 3.73 16.17
N ASP B 36 -0.12 3.34 17.40
CA ASP B 36 0.50 2.04 17.62
C ASP B 36 -0.41 0.91 17.17
N TRP B 37 -1.72 1.17 17.07
CA TRP B 37 -2.68 0.13 16.79
C TRP B 37 -3.14 0.14 15.35
N LEU B 38 -2.50 0.97 14.47
CA LEU B 38 -2.80 0.90 13.09
C LEU B 38 -2.62 -0.51 12.55
N LEU B 39 -3.49 -0.96 11.67
CA LEU B 39 -3.53 -2.34 11.25
C LEU B 39 -3.59 -2.38 9.73
N PRO B 40 -2.57 -2.88 9.07
CA PRO B 40 -2.62 -2.87 7.60
C PRO B 40 -3.42 -4.05 6.98
N MET B 41 -4.74 -3.99 7.06
CA MET B 41 -5.64 -5.00 6.49
C MET B 41 -5.52 -5.01 5.01
N GLY B 42 -5.33 -6.21 4.42
CA GLY B 42 -5.14 -6.27 2.97
C GLY B 42 -3.94 -5.49 2.49
N GLY B 43 -2.94 -5.21 3.34
CA GLY B 43 -1.74 -4.52 2.98
C GLY B 43 -1.74 -3.00 3.12
N ASP B 44 -2.82 -2.42 3.62
CA ASP B 44 -2.87 -0.96 3.76
C ASP B 44 -3.67 -0.67 4.94
N HIS B 45 -3.29 0.32 5.79
CA HIS B 45 -4.21 0.72 6.83
C HIS B 45 -5.34 1.62 6.35
N GLU B 46 -5.16 2.24 5.21
CA GLU B 46 -6.19 3.07 4.60
C GLU B 46 -6.99 2.34 3.55
N HIS B 47 -8.32 2.44 3.66
CA HIS B 47 -9.24 1.83 2.67
C HIS B 47 -10.29 2.87 2.33
N VAL B 48 -10.33 3.30 1.08
CA VAL B 48 -11.39 4.16 0.59
C VAL B 48 -12.48 3.24 0.02
N VAL B 49 -13.68 3.35 0.58
CA VAL B 49 -14.76 2.36 0.37
C VAL B 49 -16.06 3.11 0.10
N PHE B 50 -17.04 2.40 -0.44
CA PHE B 50 -18.41 2.96 -0.55
C PHE B 50 -19.40 1.93 -0.12
N ASN B 51 -20.51 2.38 0.45
CA ASN B 51 -21.57 1.47 0.94
C ASN B 51 -22.66 1.31 -0.14
N PRO B 52 -23.69 0.48 0.09
CA PRO B 52 -24.73 0.27 -0.90
C PRO B 52 -25.54 1.53 -1.20
N ALA B 53 -25.57 2.48 -0.28
CA ALA B 53 -26.24 3.77 -0.55
C ALA B 53 -25.39 4.72 -1.30
N GLY B 54 -24.19 4.32 -1.66
CA GLY B 54 -23.26 5.13 -2.46
C GLY B 54 -22.51 6.15 -1.63
N MET B 55 -22.48 6.07 -0.31
CA MET B 55 -21.66 6.99 0.48
C MET B 55 -20.24 6.51 0.48
N ILE B 56 -19.30 7.42 0.25
CA ILE B 56 -17.85 7.13 0.24
C ILE B 56 -17.22 7.51 1.53
N PHE B 57 -16.36 6.63 2.03
CA PHE B 57 -15.66 6.84 3.33
C PHE B 57 -14.21 6.51 3.13
N ARG B 58 -13.34 7.23 3.84
CA ARG B 58 -11.93 6.89 3.92
C ARG B 58 -11.69 6.38 5.31
N VAL B 59 -11.47 5.09 5.41
CA VAL B 59 -11.37 4.36 6.66
C VAL B 59 -9.95 3.95 6.95
N TRP B 60 -9.52 4.15 8.19
CA TRP B 60 -8.25 3.64 8.70
C TRP B 60 -8.54 2.47 9.63
N CYS B 61 -7.78 1.41 9.47
CA CYS B 61 -7.98 0.19 10.29
C CYS B 61 -7.08 0.23 11.53
N PHE B 62 -7.70 -0.09 12.67
CA PHE B 62 -7.02 -0.13 13.96
C PHE B 62 -7.33 -1.46 14.62
N SER B 63 -6.39 -2.04 15.29
CA SER B 63 -6.59 -3.34 15.99
C SER B 63 -7.54 -3.26 17.16
N LEU B 64 -7.46 -2.16 17.86
CA LEU B 64 -8.25 -1.91 19.09
C LEU B 64 -8.75 -0.48 19.02
N ALA B 65 -9.73 -0.18 19.84
CA ALA B 65 -10.17 1.18 20.12
C ALA B 65 -10.84 1.20 21.47
N GLN B 66 -11.10 2.39 21.96
CA GLN B 66 -11.81 2.58 23.20
C GLN B 66 -12.72 3.74 23.11
N GLY B 67 -13.65 3.82 24.02
CA GLY B 67 -14.50 4.99 24.08
C GLY B 67 -15.60 5.04 23.06
N LEU B 68 -15.83 3.96 22.32
CA LEU B 68 -16.93 3.91 21.39
C LEU B 68 -18.12 3.17 21.96
N ARG B 69 -19.24 3.24 21.29
CA ARG B 69 -20.43 2.43 21.60
C ARG B 69 -20.85 1.79 20.30
N LEU B 70 -20.90 0.47 20.27
CA LEU B 70 -21.29 -0.30 19.12
C LEU B 70 -22.76 -0.52 19.14
N ILE B 71 -23.43 -0.26 18.02
CA ILE B 71 -24.87 -0.22 17.95
C ILE B 71 -25.40 -1.39 17.11
N GLY B 72 -26.39 -2.09 17.61
CA GLY B 72 -27.04 -3.12 16.86
C GLY B 72 -26.32 -4.43 16.83
N ALA B 73 -26.90 -5.39 16.10
CA ALA B 73 -26.32 -6.72 15.94
C ALA B 73 -25.36 -6.69 14.73
N PRO B 74 -24.33 -7.54 14.75
CA PRO B 74 -23.39 -7.56 13.64
C PRO B 74 -24.08 -8.04 12.38
N SER B 75 -23.61 -7.49 11.25
CA SER B 75 -24.18 -7.81 9.96
C SER B 75 -23.03 -8.20 9.05
N GLY B 76 -23.27 -9.26 8.24
CA GLY B 76 -22.34 -9.60 7.21
C GLY B 76 -22.60 -8.96 5.87
N GLU B 77 -23.68 -8.21 5.77
CA GLU B 77 -24.10 -7.65 4.44
C GLU B 77 -23.10 -6.67 3.94
N PHE B 78 -22.55 -6.86 2.73
CA PHE B 78 -21.68 -5.87 2.09
C PHE B 78 -20.51 -5.43 2.92
N SER B 79 -20.00 -6.39 3.72
CA SER B 79 -18.80 -6.05 4.49
C SER B 79 -17.62 -5.70 3.56
N TRP B 80 -16.90 -4.65 3.94
CA TRP B 80 -15.73 -4.24 3.17
C TRP B 80 -14.53 -5.18 3.40
N PHE B 81 -14.63 -6.02 4.43
CA PHE B 81 -13.52 -6.90 4.82
C PHE B 81 -14.05 -8.33 4.83
N LYS B 82 -13.64 -9.09 3.81
CA LYS B 82 -14.16 -10.44 3.62
C LYS B 82 -13.92 -11.30 4.86
N GLY B 83 -14.96 -11.99 5.29
CA GLY B 83 -14.84 -12.84 6.46
C GLY B 83 -15.27 -12.19 7.75
N TYR B 84 -15.59 -10.90 7.73
CA TYR B 84 -15.96 -10.18 8.91
C TYR B 84 -17.38 -9.65 8.86
N ASP B 85 -18.05 -9.59 9.98
CA ASP B 85 -19.29 -8.88 10.17
C ASP B 85 -18.98 -7.52 10.78
N TRP B 86 -19.86 -6.58 10.61
CA TRP B 86 -19.68 -5.21 11.11
C TRP B 86 -20.81 -4.75 12.00
N THR B 87 -20.46 -3.80 12.86
CA THR B 87 -21.42 -3.07 13.67
CA THR B 87 -21.40 -3.08 13.70
C THR B 87 -21.01 -1.61 13.60
N ILE B 88 -21.97 -0.71 13.56
CA ILE B 88 -21.69 0.71 13.59
C ILE B 88 -21.06 1.12 14.92
N ALA B 89 -20.06 1.96 14.87
CA ALA B 89 -19.37 2.50 16.05
C ALA B 89 -19.57 3.99 16.21
N LEU B 90 -20.19 4.40 17.29
CA LEU B 90 -20.33 5.83 17.63
C LEU B 90 -19.38 6.18 18.73
N CYS B 91 -18.97 7.45 18.77
CA CYS B 91 -18.32 7.93 19.99
C CYS B 91 -19.25 7.72 21.17
N GLY B 92 -18.77 7.06 22.24
CA GLY B 92 -19.60 6.84 23.38
C GLY B 92 -19.94 8.07 24.18
N GLN B 93 -19.13 9.09 24.03
CA GLN B 93 -19.29 10.31 24.79
C GLN B 93 -20.20 11.30 24.10
N CYS B 94 -20.04 11.50 22.79
CA CYS B 94 -20.84 12.46 22.05
C CYS B 94 -21.72 11.97 20.93
N GLY B 95 -21.61 10.70 20.58
CA GLY B 95 -22.47 10.11 19.56
C GLY B 95 -22.06 10.27 18.12
N SER B 96 -20.93 10.93 17.87
CA SER B 96 -20.41 11.06 16.49
C SER B 96 -20.20 9.70 15.85
N HIS B 97 -20.57 9.51 14.59
CA HIS B 97 -20.34 8.25 13.93
C HIS B 97 -18.91 8.15 13.51
N LEU B 98 -18.08 7.34 14.21
CA LEU B 98 -16.68 7.27 13.97
C LEU B 98 -16.26 6.12 13.08
N GLY B 99 -17.06 5.12 12.88
CA GLY B 99 -16.71 4.02 11.98
C GLY B 99 -17.50 2.77 12.26
N TRP B 100 -16.81 1.64 12.26
CA TRP B 100 -17.38 0.31 12.41
C TRP B 100 -16.44 -0.58 13.13
N HIS B 101 -17.01 -1.53 13.85
CA HIS B 101 -16.27 -2.64 14.42
C HIS B 101 -16.49 -3.89 13.59
N TYR B 102 -15.42 -4.68 13.39
CA TYR B 102 -15.45 -5.87 12.59
C TYR B 102 -15.15 -7.04 13.52
N GLU B 103 -15.87 -8.14 13.29
CA GLU B 103 -15.68 -9.33 14.11
C GLU B 103 -15.95 -10.56 13.27
N GLY B 104 -15.59 -11.68 13.89
CA GLY B 104 -16.01 -13.01 13.34
C GLY B 104 -15.05 -13.54 12.34
N GLY B 105 -13.90 -12.88 12.20
CA GLY B 105 -12.81 -13.39 11.36
C GLY B 105 -11.78 -14.21 12.17
N SER B 106 -10.63 -14.38 11.56
CA SER B 106 -9.44 -14.88 12.26
C SER B 106 -8.22 -14.07 11.91
N GLN B 107 -7.36 -13.84 12.90
CA GLN B 107 -6.09 -13.18 12.70
C GLN B 107 -6.21 -11.84 11.92
N PRO B 108 -6.84 -10.82 12.50
CA PRO B 108 -7.38 -10.83 13.87
C PRO B 108 -8.82 -11.19 13.89
N GLN B 109 -9.31 -11.59 15.02
CA GLN B 109 -10.73 -11.88 15.11
C GLN B 109 -11.56 -10.61 15.12
N THR B 110 -11.02 -9.52 15.65
CA THR B 110 -11.73 -8.22 15.87
CA THR B 110 -11.73 -8.25 15.61
C THR B 110 -10.78 -7.11 15.34
N PHE B 111 -11.35 -6.03 14.79
CA PHE B 111 -10.65 -4.82 14.54
C PHE B 111 -11.66 -3.73 14.23
N PHE B 112 -11.19 -2.49 14.11
CA PHE B 112 -12.03 -1.35 13.80
C PHE B 112 -11.63 -0.75 12.47
N GLY B 113 -12.62 -0.24 11.80
CA GLY B 113 -12.36 0.67 10.64
C GLY B 113 -12.97 2.01 10.97
N LEU B 114 -12.13 2.98 11.23
CA LEU B 114 -12.51 4.29 11.73
C LEU B 114 -12.37 5.34 10.59
N ILE B 115 -13.31 6.26 10.55
CA ILE B 115 -13.36 7.32 9.52
C ILE B 115 -12.32 8.36 9.82
N LYS B 116 -11.24 8.41 9.04
CA LYS B 116 -10.10 9.26 9.35
C LYS B 116 -10.47 10.71 9.57
N ASP B 117 -11.36 11.25 8.76
CA ASP B 117 -11.80 12.65 8.84
CA ASP B 117 -11.63 12.69 8.91
C ASP B 117 -12.56 13.01 10.08
N ARG B 118 -13.02 11.98 10.82
CA ARG B 118 -13.77 12.19 12.05
C ARG B 118 -12.94 12.06 13.30
N LEU B 119 -11.65 11.87 13.13
CA LEU B 119 -10.69 11.72 14.20
C LEU B 119 -9.72 12.92 14.14
N ALA B 120 -9.10 13.19 15.25
CA ALA B 120 -8.01 14.21 15.33
C ALA B 120 -6.82 13.55 15.93
N GLU B 121 -5.67 13.55 15.26
CA GLU B 121 -4.45 12.95 15.78
C GLU B 121 -3.65 13.99 16.51
N GLY B 122 -3.06 13.58 17.63
CA GLY B 122 -2.34 14.53 18.45
C GLY B 122 -1.55 13.79 19.52
N PRO B 123 -0.73 14.50 20.26
CA PRO B 123 0.00 13.91 21.35
C PRO B 123 -0.86 13.41 22.49
N ALA B 124 -0.35 12.35 23.07
CA ALA B 124 -1.00 11.59 24.11
C ALA B 124 -1.06 12.34 25.46
N ALA C 17 13.21 -1.06 -16.96
CA ALA C 17 12.22 -0.03 -17.44
C ALA C 17 12.82 1.40 -17.35
N PRO C 18 12.49 2.26 -18.32
CA PRO C 18 13.12 3.61 -18.29
C PRO C 18 12.72 4.49 -17.11
N GLY C 19 11.64 4.15 -16.39
CA GLY C 19 11.23 4.85 -15.17
C GLY C 19 11.63 4.06 -13.93
N ALA C 20 12.64 3.19 -14.00
CA ALA C 20 13.04 2.39 -12.87
C ALA C 20 14.54 2.51 -12.72
N SER C 21 14.94 3.72 -12.40
CA SER C 21 16.32 4.10 -12.41
C SER C 21 16.85 4.49 -11.03
N ILE C 22 16.01 5.17 -10.25
CA ILE C 22 16.33 5.60 -8.87
C ILE C 22 15.35 4.96 -7.91
N PHE C 23 15.88 4.53 -6.77
CA PHE C 23 15.09 3.81 -5.79
C PHE C 23 15.03 4.60 -4.53
N ARG C 24 13.83 4.74 -3.94
CA ARG C 24 13.59 5.68 -2.82
C ARG C 24 12.71 5.00 -1.76
N CYS C 25 12.75 5.45 -0.52
CA CYS C 25 11.88 4.98 0.51
C CYS C 25 10.42 5.23 0.10
N ARG C 26 9.61 4.20 0.15
CA ARG C 26 8.20 4.30 -0.24
C ARG C 26 7.41 5.18 0.72
N GLN C 27 7.82 5.21 1.98
CA GLN C 27 7.07 5.96 3.00
C GLN C 27 7.33 7.44 3.01
N CYS C 28 8.59 7.84 2.71
CA CYS C 28 8.91 9.25 2.78
C CYS C 28 9.64 9.83 1.59
N GLY C 29 10.10 8.98 0.70
CA GLY C 29 10.80 9.43 -0.48
C GLY C 29 12.30 9.60 -0.43
N GLN C 30 12.91 9.39 0.74
CA GLN C 30 14.36 9.43 0.84
C GLN C 30 15.07 8.68 -0.28
N THR C 31 16.04 9.31 -0.92
CA THR C 31 16.80 8.65 -1.97
C THR C 31 17.66 7.58 -1.36
N ILE C 32 17.64 6.35 -1.89
CA ILE C 32 18.41 5.23 -1.33
C ILE C 32 19.45 4.69 -2.32
N SER C 33 19.08 4.35 -3.55
CA SER C 33 20.08 3.78 -4.47
C SER C 33 19.65 3.99 -5.90
N ARG C 34 20.45 3.42 -6.81
CA ARG C 34 20.23 3.66 -8.24
C ARG C 34 20.59 2.40 -8.99
N ARG C 35 19.97 2.31 -10.15
CA ARG C 35 20.11 1.12 -10.99
C ARG C 35 21.54 0.88 -11.41
N ASP C 36 22.37 1.88 -11.51
CA ASP C 36 23.79 1.68 -11.85
C ASP C 36 24.50 0.79 -10.83
N TRP C 37 23.96 0.70 -9.63
CA TRP C 37 24.59 -0.05 -8.55
C TRP C 37 23.89 -1.38 -8.31
N LEU C 38 22.88 -1.70 -9.10
CA LEU C 38 22.10 -2.91 -8.87
C LEU C 38 22.97 -4.03 -9.34
N LEU C 39 22.92 -5.13 -8.60
CA LEU C 39 23.70 -6.32 -8.95
C LEU C 39 22.79 -7.46 -9.46
N PRO C 40 22.83 -7.73 -10.75
CA PRO C 40 22.04 -8.87 -11.24
C PRO C 40 22.65 -10.26 -10.94
N MET C 41 21.80 -11.28 -10.88
CA MET C 41 22.29 -12.66 -10.83
C MET C 41 21.67 -13.25 -12.07
N GLY C 42 22.51 -13.55 -13.05
CA GLY C 42 22.03 -14.14 -14.33
C GLY C 42 21.11 -13.09 -14.98
N GLY C 43 19.87 -13.50 -15.21
CA GLY C 43 18.83 -12.64 -15.84
C GLY C 43 17.95 -11.87 -14.88
N ASP C 44 18.16 -12.05 -13.58
CA ASP C 44 17.33 -11.52 -12.52
C ASP C 44 17.91 -10.32 -11.78
N HIS C 45 17.13 -9.28 -11.76
CA HIS C 45 17.49 -8.08 -11.03
C HIS C 45 16.95 -8.19 -9.62
N GLU C 46 15.89 -8.96 -9.41
CA GLU C 46 15.22 -9.06 -8.10
C GLU C 46 15.40 -10.49 -7.73
N HIS C 47 15.28 -10.79 -6.45
CA HIS C 47 15.33 -12.19 -5.93
C HIS C 47 14.15 -12.44 -5.04
N VAL C 48 13.44 -13.53 -5.25
CA VAL C 48 12.31 -13.87 -4.39
C VAL C 48 12.90 -14.70 -3.22
N VAL C 49 12.62 -14.25 -2.01
CA VAL C 49 13.08 -14.88 -0.78
C VAL C 49 11.91 -15.00 0.17
N PHE C 50 12.07 -15.82 1.22
CA PHE C 50 10.99 -16.04 2.19
C PHE C 50 11.62 -15.70 3.58
N ASN C 51 10.95 -14.87 4.39
CA ASN C 51 11.33 -14.74 5.76
C ASN C 51 11.13 -16.07 6.51
N PRO C 52 11.52 -16.13 7.80
CA PRO C 52 11.41 -17.39 8.52
C PRO C 52 9.98 -17.90 8.65
N ALA C 53 8.99 -17.00 8.57
CA ALA C 53 7.59 -17.42 8.66
C ALA C 53 7.04 -17.83 7.30
N GLY C 54 7.87 -17.80 6.26
CA GLY C 54 7.43 -18.22 4.93
C GLY C 54 6.72 -17.14 4.12
N MET C 55 6.75 -15.90 4.55
CA MET C 55 6.20 -14.82 3.71
C MET C 55 7.22 -14.48 2.63
N ILE C 56 6.76 -14.17 1.42
CA ILE C 56 7.64 -13.75 0.32
C ILE C 56 8.03 -12.26 0.35
N PHE C 57 9.28 -11.98 0.02
CA PHE C 57 9.73 -10.64 -0.37
C PHE C 57 10.47 -10.75 -1.70
N ARG C 58 10.45 -9.68 -2.48
CA ARG C 58 11.41 -9.48 -3.56
C ARG C 58 12.55 -8.60 -3.04
N VAL C 59 13.80 -9.03 -3.13
CA VAL C 59 14.96 -8.26 -2.69
C VAL C 59 15.75 -7.78 -3.90
N TRP C 60 16.15 -6.50 -3.87
CA TRP C 60 17.11 -5.96 -4.83
C TRP C 60 18.44 -5.79 -4.15
N CYS C 61 19.54 -6.27 -4.77
CA CYS C 61 20.88 -6.10 -4.23
C CYS C 61 21.58 -4.95 -4.91
N PHE C 62 22.16 -4.06 -4.11
CA PHE C 62 22.87 -2.90 -4.60
C PHE C 62 24.28 -2.85 -4.00
N SER C 63 25.28 -2.55 -4.80
CA SER C 63 26.64 -2.43 -4.28
C SER C 63 26.84 -1.24 -3.31
N LEU C 64 26.11 -0.18 -3.55
CA LEU C 64 26.22 1.08 -2.81
C LEU C 64 24.82 1.58 -2.51
N ALA C 65 24.68 2.31 -1.42
CA ALA C 65 23.39 3.00 -1.12
C ALA C 65 23.70 4.19 -0.26
N GLN C 66 22.69 5.03 -0.13
CA GLN C 66 22.78 6.21 0.74
C GLN C 66 21.51 6.35 1.53
N GLY C 67 21.58 7.22 2.54
CA GLY C 67 20.37 7.59 3.20
C GLY C 67 19.77 6.60 4.14
N LEU C 68 20.54 5.55 4.46
CA LEU C 68 20.09 4.54 5.42
C LEU C 68 20.74 4.82 6.75
N ARG C 69 20.26 4.11 7.77
CA ARG C 69 20.98 4.01 9.03
C ARG C 69 21.11 2.57 9.36
N LEU C 70 22.35 2.12 9.51
CA LEU C 70 22.60 0.69 9.82
C LEU C 70 22.64 0.49 11.32
N ILE C 71 21.83 -0.43 11.86
CA ILE C 71 21.70 -0.51 13.30
C ILE C 71 22.18 -1.86 13.80
N GLY C 72 22.86 -1.85 14.94
CA GLY C 72 23.07 -3.09 15.69
C GLY C 72 24.20 -3.93 15.16
N ALA C 73 24.29 -5.14 15.68
CA ALA C 73 25.39 -6.05 15.39
C ALA C 73 25.01 -7.00 14.26
N PRO C 74 25.99 -7.47 13.50
CA PRO C 74 25.67 -8.38 12.39
C PRO C 74 25.15 -9.71 12.88
N SER C 75 24.34 -10.37 12.05
CA SER C 75 23.79 -11.67 12.36
C SER C 75 23.88 -12.54 11.10
N GLY C 76 24.23 -13.81 11.29
CA GLY C 76 24.13 -14.78 10.24
C GLY C 76 22.80 -15.51 10.13
N GLU C 77 21.89 -15.27 11.08
CA GLU C 77 20.66 -16.07 11.17
C GLU C 77 19.79 -15.90 9.94
N PHE C 78 19.36 -17.01 9.35
CA PHE C 78 18.42 -16.97 8.21
C PHE C 78 18.95 -16.23 7.02
N SER C 79 20.26 -16.03 6.91
CA SER C 79 20.73 -15.19 5.79
C SER C 79 20.36 -15.82 4.45
N TRP C 80 19.81 -15.00 3.55
CA TRP C 80 19.44 -15.43 2.23
C TRP C 80 20.65 -15.56 1.33
N PHE C 81 21.81 -15.09 1.78
CA PHE C 81 23.03 -15.08 0.96
C PHE C 81 24.09 -15.84 1.77
N LYS C 82 24.41 -17.03 1.31
CA LYS C 82 25.18 -17.96 2.15
C LYS C 82 26.56 -17.39 2.41
N GLY C 83 26.96 -17.39 3.69
CA GLY C 83 28.24 -16.84 4.09
C GLY C 83 28.29 -15.35 4.36
N TYR C 84 27.14 -14.69 4.26
CA TYR C 84 27.03 -13.26 4.58
C TYR C 84 26.21 -13.04 5.83
N ASP C 85 26.69 -12.09 6.63
CA ASP C 85 25.98 -11.65 7.83
C ASP C 85 25.28 -10.37 7.46
N TRP C 86 24.16 -10.10 8.12
CA TRP C 86 23.37 -8.89 7.84
C TRP C 86 23.22 -8.01 9.06
N THR C 87 22.98 -6.74 8.78
CA THR C 87 22.60 -5.72 9.77
C THR C 87 21.40 -5.00 9.22
N ILE C 88 20.47 -4.65 10.07
CA ILE C 88 19.27 -3.97 9.67
C ILE C 88 19.58 -2.59 9.09
N ALA C 89 18.89 -2.28 7.99
CA ALA C 89 19.04 -0.97 7.34
C ALA C 89 17.71 -0.24 7.44
N LEU C 90 17.68 0.87 8.17
CA LEU C 90 16.49 1.71 8.22
C LEU C 90 16.62 2.89 7.32
N CYS C 91 15.51 3.43 6.87
CA CYS C 91 15.53 4.72 6.25
C CYS C 91 16.05 5.74 7.27
N GLY C 92 17.04 6.53 6.85
CA GLY C 92 17.55 7.53 7.75
C GLY C 92 16.63 8.73 7.98
N GLN C 93 15.65 8.89 7.11
CA GLN C 93 14.75 10.02 7.19
C GLN C 93 13.53 9.70 8.02
N CYS C 94 12.91 8.55 7.79
CA CYS C 94 11.67 8.20 8.52
C CYS C 94 11.72 6.97 9.40
N GLY C 95 12.80 6.21 9.35
CA GLY C 95 12.90 5.04 10.24
C GLY C 95 12.37 3.74 9.66
N SER C 96 11.69 3.77 8.51
CA SER C 96 11.13 2.58 7.89
C SER C 96 12.22 1.52 7.67
N HIS C 97 11.91 0.26 7.93
CA HIS C 97 12.87 -0.80 7.71
C HIS C 97 12.90 -1.16 6.25
N LEU C 98 13.99 -0.79 5.54
CA LEU C 98 14.03 -0.97 4.10
C LEU C 98 14.76 -2.22 3.64
N GLY C 99 15.57 -2.81 4.51
CA GLY C 99 16.34 -3.96 4.13
C GLY C 99 17.50 -4.19 5.05
N TRP C 100 18.63 -4.65 4.51
CA TRP C 100 19.78 -5.07 5.29
C TRP C 100 21.06 -4.73 4.58
N HIS C 101 22.11 -4.57 5.34
CA HIS C 101 23.47 -4.50 4.81
C HIS C 101 24.15 -5.82 5.04
N TYR C 102 24.78 -6.34 4.01
CA TYR C 102 25.41 -7.67 4.04
C TYR C 102 26.90 -7.53 3.95
N GLU C 103 27.57 -8.41 4.70
CA GLU C 103 29.02 -8.44 4.67
C GLU C 103 29.46 -9.89 4.75
N GLY C 104 30.38 -10.30 3.87
CA GLY C 104 30.87 -11.64 3.92
C GLY C 104 32.04 -11.75 2.97
N GLY C 105 32.29 -12.97 2.47
CA GLY C 105 33.64 -13.37 2.00
C GLY C 105 34.27 -12.82 0.73
N SER C 106 33.58 -12.93 -0.40
CA SER C 106 34.17 -12.53 -1.66
C SER C 106 33.12 -11.99 -2.60
N GLN C 107 33.46 -10.95 -3.33
CA GLN C 107 32.90 -10.70 -4.67
C GLN C 107 31.37 -10.77 -4.73
N PRO C 108 30.66 -9.83 -4.10
CA PRO C 108 31.26 -8.67 -3.42
C PRO C 108 31.39 -8.92 -1.94
N GLN C 109 32.27 -8.19 -1.32
CA GLN C 109 32.43 -8.39 0.09
C GLN C 109 31.25 -7.77 0.86
N THR C 110 30.67 -6.71 0.32
CA THR C 110 29.51 -6.06 0.94
C THR C 110 28.52 -5.62 -0.10
N PHE C 111 27.25 -5.56 0.34
CA PHE C 111 26.19 -5.03 -0.52
C PHE C 111 25.01 -4.76 0.39
N PHE C 112 24.01 -4.14 -0.21
CA PHE C 112 22.73 -3.83 0.46
C PHE C 112 21.65 -4.64 -0.21
N GLY C 113 20.85 -5.34 0.58
CA GLY C 113 19.71 -6.12 0.12
C GLY C 113 18.44 -5.44 0.59
N LEU C 114 17.73 -4.80 -0.33
CA LEU C 114 16.61 -3.94 0.03
C LEU C 114 15.31 -4.56 -0.48
N ILE C 115 14.27 -4.38 0.31
CA ILE C 115 12.95 -4.96 0.04
C ILE C 115 12.21 -4.16 -1.01
N LYS C 116 11.92 -4.77 -2.16
CA LYS C 116 11.17 -4.11 -3.23
C LYS C 116 9.89 -3.43 -2.76
N ASP C 117 9.08 -4.07 -1.91
CA ASP C 117 7.81 -3.44 -1.56
C ASP C 117 7.95 -2.33 -0.49
N ARG C 118 9.17 -2.07 -0.06
CA ARG C 118 9.43 -0.92 0.83
C ARG C 118 10.00 0.27 0.06
N LEU C 119 10.18 0.13 -1.25
CA LEU C 119 10.81 1.12 -2.09
C LEU C 119 9.84 1.62 -3.14
N ALA C 120 10.06 2.81 -3.64
CA ALA C 120 9.43 3.35 -4.86
C ALA C 120 10.52 3.51 -5.91
N GLU C 121 10.23 3.10 -7.15
CA GLU C 121 11.21 3.28 -8.23
C GLU C 121 10.73 4.35 -9.17
N GLY C 122 11.67 5.11 -9.74
CA GLY C 122 11.30 6.17 -10.66
C GLY C 122 12.48 6.62 -11.48
N PRO C 123 12.24 7.56 -12.37
CA PRO C 123 13.27 8.03 -13.26
C PRO C 123 14.41 8.76 -12.64
N ALA C 124 15.56 8.76 -13.37
CA ALA C 124 16.72 9.53 -12.89
C ALA C 124 16.38 10.99 -12.91
N ASP C 125 17.22 11.75 -12.21
CA ASP C 125 17.08 13.18 -12.24
C ASP C 125 17.82 13.76 -13.44
N UNK D 1 15.63 2.67 19.43
CA UNK D 1 15.54 2.93 20.90
C UNK D 1 14.94 1.74 21.69
N UNK D 2 15.09 1.78 23.02
CA UNK D 2 14.22 1.00 23.89
C UNK D 2 12.93 1.83 23.96
N UNK D 3 11.80 1.15 24.04
CA UNK D 3 10.48 1.76 24.12
C UNK D 3 9.89 1.48 25.51
N UNK D 4 9.51 2.57 26.21
CA UNK D 4 9.04 2.49 27.60
C UNK D 4 7.55 2.71 27.68
N UNK D 5 6.96 3.17 26.57
CA UNK D 5 5.61 3.75 26.59
C UNK D 5 4.87 3.58 25.27
N UNK D 6 3.58 3.94 25.36
CA UNK D 6 2.49 3.50 24.51
C UNK D 6 2.06 4.58 23.54
ZN ZN E . -14.76 10.54 -11.41
O01 EF2 F . 6.54 8.70 -14.79
C02 EF2 F . 5.59 8.11 -15.34
N03 EF2 F . 5.69 6.81 -15.77
C04 EF2 F . 4.64 6.06 -16.29
O05 EF2 F . 4.77 4.87 -16.46
C06 EF2 F . 3.37 6.84 -16.48
C07 EF2 F . 3.56 8.31 -16.75
C08 EF2 F . 4.25 8.83 -15.53
N09 EF2 F . 4.53 10.26 -15.61
C11 EF2 F . 5.09 14.76 -15.09
C12 EF2 F . 4.39 13.71 -14.52
C13 EF2 F . 4.57 12.46 -15.09
C14 EF2 F . 5.42 12.30 -16.19
O16 EF2 F . 3.28 10.89 -13.86
O18 EF2 F . 6.04 10.28 -17.43
C19 EF2 F . 6.09 13.34 -16.78
C20 EF2 F . 5.92 14.61 -16.21
C3 EF2 F . 5.32 10.95 -16.42
C4 EF2 F . 4.03 11.22 -14.81
P PO4 G . -1.16 14.09 -10.78
O1 PO4 G . 0.15 13.84 -11.54
O2 PO4 G . -1.59 15.55 -10.97
O3 PO4 G . -0.99 13.95 -9.30
O4 PO4 G . -2.30 13.21 -11.13
ZN ZN H . -16.98 12.25 20.70
C4 JON I . -25.90 2.09 7.50
C5 JON I . -20.90 -1.33 4.73
C6 JON I . -19.17 -2.26 5.87
C7 JON I . -19.76 -1.25 6.82
C8 JON I . -26.69 0.79 7.60
C9 JON I . -28.14 1.23 7.71
C10 JON I . -28.19 2.50 6.87
N1 JON I . -22.02 -0.17 6.60
N2 JON I . -19.91 -2.25 4.73
C3 JON I . -24.77 1.99 6.51
N3 JON I . -26.86 3.11 7.03
C1 JON I . -20.78 -0.46 5.95
C2 JON I . -22.75 0.91 6.25
O1 JON I . -23.93 0.89 6.93
O2 JON I . -22.39 1.85 5.59
O3 JON I . -18.20 -2.97 6.00
O4 JON I . -21.65 -1.20 3.79
P PO4 J . -22.84 8.71 8.22
O1 PO4 J . -22.50 9.39 6.90
O2 PO4 J . -24.22 9.13 8.73
O3 PO4 J . -21.76 9.06 9.18
O4 PO4 J . -22.76 7.20 7.95
P PO4 K . -11.25 12.48 3.30
O1 PO4 K . -9.94 13.21 2.83
O2 PO4 K . -11.86 12.01 2.02
O3 PO4 K . -11.03 11.34 4.20
O4 PO4 K . -12.05 13.63 3.84
ZN ZN L . 11.68 6.81 4.71
O01 EF2 M . 15.12 -14.04 6.88
C02 EF2 M . 15.91 -13.11 6.74
N03 EF2 M . 17.04 -13.24 6.05
C04 EF2 M . 17.94 -12.27 5.81
O05 EF2 M . 18.88 -12.48 5.04
C06 EF2 M . 17.80 -10.89 6.47
C07 EF2 M . 16.85 -10.99 7.66
C08 EF2 M . 15.59 -11.76 7.23
N09 EF2 M . 14.63 -11.79 8.35
C11 EF2 M . 11.11 -11.55 11.28
C12 EF2 M . 11.44 -11.32 9.95
C13 EF2 M . 12.72 -11.60 9.55
C14 EF2 M . 13.68 -12.05 10.42
O16 EF2 M . 12.78 -11.05 7.27
O18 EF2 M . 16.04 -12.72 10.18
C19 EF2 M . 13.38 -12.31 11.75
C20 EF2 M . 12.07 -12.04 12.17
C3 EF2 M . 14.79 -12.21 9.64
C4 EF2 M . 13.36 -11.43 8.33
#